data_6USV
#
_entry.id   6USV
#
_cell.length_a   59.281
_cell.length_b   85.131
_cell.length_c   121.675
_cell.angle_alpha   90.000
_cell.angle_beta   90.000
_cell.angle_gamma   90.000
#
_symmetry.space_group_name_H-M   'P 21 21 21'
#
loop_
_entity.id
_entity.type
_entity.pdbx_description
1 polymer 'Glutamate receptor ionotropic, NMDA 1'
2 polymer 'Glutamate receptor ionotropic, NMDA 2A'
3 non-polymer GLYCINE
4 non-polymer "(2S)-2-amino-3-[2',4'-dichloro-4-hydroxy-5-(phosphonomethyl)biphenyl-3-yl]propanoic acid"
5 non-polymer GLYCEROL
6 water water
#
loop_
_entity_poly.entity_id
_entity_poly.type
_entity_poly.pdbx_seq_one_letter_code
_entity_poly.pdbx_strand_id
1 'polypeptide(L)'
;GMSTRLKIVTIHQEPFVYVKPTMSDGTCKEEFTVNGDPVKKVICTGPNDTSPGSPRHTVPQCCYGFCIDLLIKLARTMNF
TYEVHLVADGKFGTQERVNNSNKKEWNGMMGELLSGQADMIVAPLTINNERAQYIEFSKPFKYQGLTILVKKGTRITGIN
DPRLRNPSDKFIYATVKQSSVDIYFRRQVELSTMYRHMEKHNYESAAEAIQAVRDNKLHAFIWDSAVLEFEASQKCDLVT
TGELFFRSGFGIGMRKDSPWKQNVSLSILKSHENGFMEDLDKTWVRYQECDS
;
A
2 'polypeptide(L)'
;SDDNHLSIVTLEEAPFVIVEDIDPLTETCVRNTVPCRKFVKINNSTNEGMNVKKCCKGFCIDILKKLSRTVKFTYDLYLV
TNGKHGKKVNNVWNGMIGEVVYQRAVMAVGSLTINEERSEVVDFSVPFVETGISVMVSRGTQVTGLSDKKFQRPHDYSPP
FRFGTVPNGSTERNIRNNYPYMHQYMTRFNQRGVEDALVSLKTGKLDAFIYDAAVLNYKAGRDEGCKLVTIGSGYIFATT
GYGIALQKGSPWKRQIDLALLQFVGDGEMEELETLWLTGICHN
;
B
#
# COMPACT_ATOMS: atom_id res chain seq x y z
N SER A 3 27.71 15.85 2.28
CA SER A 3 27.40 14.57 1.66
C SER A 3 26.43 13.79 2.54
N THR A 4 26.74 13.77 3.84
CA THR A 4 26.05 12.93 4.83
C THR A 4 24.94 13.69 5.59
N ARG A 5 24.71 14.94 5.18
CA ARG A 5 23.76 15.83 5.84
C ARG A 5 22.59 16.17 4.93
N LEU A 6 21.44 15.57 5.20
CA LEU A 6 20.34 15.63 4.25
C LEU A 6 19.41 16.81 4.50
N LYS A 7 19.06 17.54 3.44
CA LYS A 7 18.01 18.54 3.55
C LYS A 7 16.66 17.85 3.36
N ILE A 8 15.81 17.97 4.37
CA ILE A 8 14.52 17.32 4.34
C ILE A 8 13.42 18.33 4.09
N VAL A 9 12.58 18.08 3.09
CA VAL A 9 11.43 18.92 2.92
C VAL A 9 10.22 18.13 3.40
N THR A 10 9.27 18.83 3.97
CA THR A 10 8.04 18.22 4.42
C THR A 10 7.00 19.29 4.35
N ILE A 11 5.79 18.98 4.81
CA ILE A 11 4.63 19.85 4.67
C ILE A 11 3.69 19.73 5.88
N HIS A 12 2.92 20.79 6.19
CA HIS A 12 1.96 20.73 7.30
C HIS A 12 0.78 19.85 6.90
N GLN A 13 0.56 18.75 7.62
CA GLN A 13 -0.49 17.80 7.30
C GLN A 13 -0.79 16.87 8.49
N GLU A 14 -1.62 17.32 9.41
CA GLU A 14 -2.02 16.50 10.56
C GLU A 14 -2.80 15.31 10.04
N PRO A 15 -2.60 14.12 10.62
CA PRO A 15 -1.71 13.85 11.74
C PRO A 15 -0.29 13.44 11.35
N PHE A 16 0.09 13.52 10.08
CA PHE A 16 1.42 13.07 9.68
C PHE A 16 2.48 14.11 10.01
N VAL A 17 2.12 15.38 9.88
CA VAL A 17 3.01 16.45 10.31
C VAL A 17 2.28 17.61 10.98
N TYR A 18 2.62 17.85 12.24
CA TYR A 18 2.15 19.00 13.01
C TYR A 18 3.16 20.17 12.95
N VAL A 19 2.68 21.40 12.82
CA VAL A 19 3.59 22.53 12.87
C VAL A 19 3.16 23.48 13.97
N LYS A 20 4.07 23.78 14.90
CA LYS A 20 3.79 24.71 15.99
C LYS A 20 4.97 25.68 16.19
N PRO A 21 4.71 26.86 16.77
CA PRO A 21 5.83 27.76 17.06
C PRO A 21 6.79 27.19 18.09
N THR A 22 8.04 27.62 18.03
CA THR A 22 8.98 27.38 19.11
C THR A 22 8.59 28.22 20.31
N MET A 23 9.20 27.94 21.45
CA MET A 23 9.01 28.80 22.62
C MET A 23 9.84 30.07 22.49
N SER A 24 9.85 30.89 23.53
CA SER A 24 10.60 32.14 23.56
C SER A 24 12.06 31.87 23.28
N ASP A 25 12.62 30.90 24.00
CA ASP A 25 14.04 30.60 23.90
C ASP A 25 14.39 29.80 22.64
N GLY A 26 13.45 29.75 21.70
CA GLY A 26 13.69 29.09 20.43
C GLY A 26 13.75 27.57 20.51
N THR A 27 13.25 26.99 21.60
CA THR A 27 13.13 25.54 21.67
C THR A 27 11.68 25.09 21.61
N CYS A 28 11.48 23.78 21.70
CA CYS A 28 10.16 23.18 21.57
C CYS A 28 9.66 22.67 22.90
N LYS A 29 8.41 23.03 23.22
CA LYS A 29 7.83 22.61 24.47
C LYS A 29 7.75 21.08 24.49
N GLU A 30 8.41 20.48 25.48
CA GLU A 30 8.36 19.03 25.65
C GLU A 30 6.96 18.59 26.10
N GLU A 31 6.43 17.55 25.48
CA GLU A 31 5.13 17.06 25.88
C GLU A 31 5.02 15.59 25.54
N PHE A 32 3.97 14.92 26.02
CA PHE A 32 3.84 13.49 25.81
C PHE A 32 2.53 13.20 25.10
N THR A 33 2.44 12.03 24.48
CA THR A 33 1.21 11.63 23.79
C THR A 33 0.15 11.25 24.81
N VAL A 34 -1.10 11.20 24.36
CA VAL A 34 -2.22 10.85 25.22
C VAL A 34 -1.90 9.56 25.97
N ASN A 35 -1.17 8.67 25.32
CA ASN A 35 -0.79 7.38 25.90
C ASN A 35 0.56 7.34 26.60
N GLY A 36 1.21 8.49 26.72
CA GLY A 36 2.39 8.57 27.55
C GLY A 36 3.74 8.44 26.84
N ASP A 37 3.73 8.35 25.51
CA ASP A 37 4.97 8.35 24.73
C ASP A 37 5.54 9.76 24.61
N PRO A 38 6.87 9.88 24.72
CA PRO A 38 7.45 11.22 24.52
C PRO A 38 7.28 11.63 23.07
N VAL A 39 6.73 12.82 22.85
CA VAL A 39 6.62 13.36 21.52
C VAL A 39 7.97 13.86 21.04
N LYS A 40 8.58 13.15 20.10
CA LYS A 40 9.83 13.61 19.53
C LYS A 40 9.61 14.81 18.59
N LYS A 41 10.35 15.89 18.81
CA LYS A 41 10.17 17.10 18.00
C LYS A 41 11.45 17.56 17.31
N VAL A 42 11.31 18.13 16.11
CA VAL A 42 12.46 18.70 15.39
C VAL A 42 12.16 20.13 14.97
N ILE A 43 13.23 20.95 14.90
CA ILE A 43 13.12 22.30 14.35
C ILE A 43 12.88 22.24 12.85
N CYS A 44 11.96 23.06 12.36
CA CYS A 44 11.75 23.13 10.92
C CYS A 44 11.45 24.54 10.47
N THR A 45 12.39 25.11 9.72
CA THR A 45 12.20 26.43 9.13
C THR A 45 11.08 26.38 8.08
N GLY A 46 10.37 27.50 7.94
CA GLY A 46 9.31 27.60 6.96
C GLY A 46 8.80 29.02 6.87
N PRO A 47 8.00 29.31 5.83
CA PRO A 47 7.34 30.61 5.62
C PRO A 47 6.54 31.09 6.83
N HIS A 57 10.85 36.48 5.96
CA HIS A 57 9.72 35.67 5.52
C HIS A 57 9.75 34.25 6.08
N THR A 58 10.94 33.71 6.39
CA THR A 58 10.98 32.37 6.99
C THR A 58 11.56 32.35 8.40
N VAL A 59 11.11 31.38 9.19
CA VAL A 59 11.31 31.37 10.63
C VAL A 59 11.27 29.95 11.19
N PRO A 60 12.13 29.65 12.19
CA PRO A 60 12.17 28.34 12.84
C PRO A 60 10.86 27.98 13.56
N GLN A 61 10.43 26.73 13.41
CA GLN A 61 9.19 26.26 14.04
C GLN A 61 9.39 24.86 14.57
N CYS A 62 8.35 24.31 15.20
CA CYS A 62 8.40 22.93 15.68
C CYS A 62 7.60 21.97 14.79
N CYS A 63 8.21 20.85 14.44
CA CYS A 63 7.51 19.78 13.72
C CYS A 63 7.50 18.47 14.51
N TYR A 64 6.36 17.81 14.49
CA TYR A 64 6.29 16.48 15.07
C TYR A 64 5.18 15.71 14.39
N GLY A 65 5.22 14.39 14.52
CA GLY A 65 4.14 13.57 14.01
C GLY A 65 4.61 12.25 13.47
N PHE A 66 3.69 11.57 12.78
CA PHE A 66 3.96 10.28 12.16
C PHE A 66 5.23 10.36 11.30
N CYS A 67 5.26 11.28 10.34
CA CYS A 67 6.37 11.35 9.39
C CYS A 67 7.67 11.82 10.06
N ILE A 68 7.57 12.68 11.07
CA ILE A 68 8.75 13.04 11.83
C ILE A 68 9.34 11.85 12.58
N ASP A 69 8.49 11.06 13.24
CA ASP A 69 8.95 9.81 13.86
C ASP A 69 9.60 8.88 12.85
N LEU A 70 9.11 8.87 11.61
CA LEU A 70 9.63 7.98 10.60
C LEU A 70 10.99 8.51 10.14
N LEU A 71 11.07 9.81 9.94
CA LEU A 71 12.35 10.46 9.64
C LEU A 71 13.39 10.10 10.72
N ILE A 72 13.02 10.23 11.99
CA ILE A 72 13.96 9.91 13.07
C ILE A 72 14.46 8.47 13.02
N LYS A 73 13.56 7.52 12.74
CA LYS A 73 13.95 6.12 12.67
C LYS A 73 14.85 5.90 11.46
N LEU A 74 14.56 6.60 10.37
CA LEU A 74 15.40 6.49 9.18
C LEU A 74 16.82 7.02 9.49
N ALA A 75 16.87 8.26 9.96
CA ALA A 75 18.13 8.92 10.32
C ALA A 75 19.01 8.07 11.24
N ARG A 76 18.41 7.37 12.21
CA ARG A 76 19.17 6.51 13.12
C ARG A 76 19.59 5.19 12.44
N THR A 77 18.67 4.59 11.69
CA THR A 77 18.88 3.29 11.06
C THR A 77 19.95 3.32 9.99
N MET A 78 19.96 4.39 9.20
CA MET A 78 20.95 4.50 8.12
C MET A 78 22.08 5.45 8.47
N ASN A 79 21.99 6.09 9.64
CA ASN A 79 23.05 6.95 10.14
C ASN A 79 23.32 8.17 9.24
N PHE A 80 22.29 8.98 8.98
CA PHE A 80 22.51 10.27 8.34
C PHE A 80 21.97 11.35 9.24
N THR A 81 22.49 12.57 9.08
CA THR A 81 21.99 13.71 9.84
C THR A 81 21.12 14.57 8.91
N TYR A 82 20.32 15.46 9.47
CA TYR A 82 19.27 16.09 8.68
C TYR A 82 18.93 17.47 9.18
N GLU A 83 18.30 18.22 8.31
CA GLU A 83 17.84 19.55 8.60
C GLU A 83 16.49 19.64 7.92
N VAL A 84 15.46 20.09 8.63
CA VAL A 84 14.12 20.02 8.06
C VAL A 84 13.59 21.40 7.77
N HIS A 85 12.90 21.54 6.63
CA HIS A 85 12.17 22.75 6.35
C HIS A 85 10.84 22.44 5.68
N LEU A 86 9.88 23.35 5.87
CA LEU A 86 8.60 23.27 5.20
C LEU A 86 8.70 23.77 3.78
N VAL A 87 8.02 23.10 2.86
CA VAL A 87 8.00 23.48 1.46
C VAL A 87 7.55 24.94 1.36
N ALA A 88 8.28 25.72 0.58
CA ALA A 88 8.07 27.16 0.57
C ALA A 88 6.72 27.56 0.00
N ASP A 89 6.21 26.79 -0.96
CA ASP A 89 4.98 27.22 -1.64
C ASP A 89 3.78 26.53 -1.03
N GLY A 90 4.06 25.62 -0.10
CA GLY A 90 3.02 24.96 0.68
C GLY A 90 2.33 23.79 -0.03
N LYS A 91 2.84 23.40 -1.20
CA LYS A 91 2.15 22.39 -2.00
C LYS A 91 2.91 21.07 -2.11
N PHE A 92 2.16 20.01 -2.42
CA PHE A 92 2.75 18.69 -2.56
C PHE A 92 3.59 18.61 -3.82
N GLY A 93 2.98 18.93 -4.97
CA GLY A 93 3.70 18.89 -6.23
C GLY A 93 2.94 18.33 -7.44
N THR A 94 2.60 19.21 -8.39
CA THR A 94 2.16 18.80 -9.73
C THR A 94 3.08 19.36 -10.84
N GLN A 95 2.95 18.83 -12.05
CA GLN A 95 3.79 19.31 -13.16
C GLN A 95 3.04 20.32 -14.02
N GLU A 96 3.67 21.45 -14.28
CA GLU A 96 3.00 22.50 -15.05
C GLU A 96 3.87 23.02 -16.17
N ARG A 97 3.23 23.40 -17.27
CA ARG A 97 3.91 23.99 -18.41
C ARG A 97 4.37 25.39 -17.99
N VAL A 98 5.61 25.72 -18.30
CA VAL A 98 6.12 27.04 -17.96
C VAL A 98 5.69 28.09 -18.96
N ASN A 99 5.03 29.13 -18.46
CA ASN A 99 4.86 30.35 -19.22
C ASN A 99 4.52 31.54 -18.32
N SER A 101 5.41 27.31 -22.97
CA SER A 101 6.70 27.49 -23.62
C SER A 101 7.60 26.30 -23.36
N ASN A 102 7.29 25.19 -24.02
CA ASN A 102 8.12 23.98 -24.08
C ASN A 102 8.44 23.37 -22.70
N LYS A 103 9.26 24.05 -21.93
CA LYS A 103 9.66 23.55 -20.62
C LYS A 103 8.47 23.33 -19.69
N LYS A 104 8.41 22.15 -19.09
CA LYS A 104 7.47 21.89 -18.01
C LYS A 104 8.25 21.92 -16.68
N GLU A 105 7.54 22.14 -15.57
CA GLU A 105 8.21 22.35 -14.28
C GLU A 105 7.36 21.84 -13.13
N TRP A 106 8.01 21.24 -12.12
CA TRP A 106 7.28 20.79 -10.92
C TRP A 106 7.26 21.88 -9.86
N ASN A 107 6.13 22.01 -9.19
CA ASN A 107 6.02 22.91 -8.04
C ASN A 107 6.16 22.12 -6.74
N GLY A 108 5.72 22.71 -5.65
CA GLY A 108 5.70 22.03 -4.37
C GLY A 108 6.93 21.26 -3.94
N MET A 109 6.72 20.22 -3.13
CA MET A 109 7.85 19.44 -2.62
C MET A 109 8.59 18.79 -3.79
N MET A 110 7.85 18.32 -4.78
CA MET A 110 8.43 17.72 -5.99
C MET A 110 9.48 18.64 -6.66
N GLY A 111 9.12 19.89 -6.92
CA GLY A 111 10.07 20.84 -7.45
C GLY A 111 11.28 21.11 -6.57
N GLU A 112 11.08 21.14 -5.25
CA GLU A 112 12.19 21.40 -4.35
C GLU A 112 13.16 20.22 -4.33
N LEU A 113 12.63 19.01 -4.39
CA LEU A 113 13.48 17.83 -4.43
C LEU A 113 14.27 17.81 -5.76
N LEU A 114 13.57 18.06 -6.86
CA LEU A 114 14.19 18.03 -8.18
C LEU A 114 15.22 19.14 -8.36
N SER A 115 14.96 20.30 -7.76
CA SER A 115 15.88 21.43 -7.87
C SER A 115 17.11 21.30 -6.96
N GLY A 116 17.05 20.45 -5.93
CA GLY A 116 18.14 20.32 -4.98
C GLY A 116 18.00 21.14 -3.71
N GLN A 117 16.96 21.95 -3.62
CA GLN A 117 16.58 22.61 -2.38
C GLN A 117 16.26 21.58 -1.30
N ALA A 118 15.97 20.35 -1.71
CA ALA A 118 15.78 19.26 -0.77
C ALA A 118 16.46 17.99 -1.26
N ASP A 119 16.87 17.14 -0.33
CA ASP A 119 17.46 15.85 -0.67
C ASP A 119 16.47 14.69 -0.50
N MET A 120 15.36 14.96 0.17
CA MET A 120 14.46 13.91 0.53
C MET A 120 13.13 14.48 1.01
N ILE A 121 12.05 13.94 0.46
CA ILE A 121 10.72 14.31 0.88
C ILE A 121 10.22 13.30 1.90
N VAL A 122 9.95 13.78 3.12
CA VAL A 122 9.35 12.97 4.17
C VAL A 122 8.02 13.59 4.56
N ALA A 123 6.93 12.96 4.15
CA ALA A 123 5.62 13.59 4.16
C ALA A 123 4.58 12.61 3.59
N PRO A 124 3.29 12.85 3.85
CA PRO A 124 2.30 11.94 3.22
C PRO A 124 2.25 12.17 1.71
N LEU A 125 3.29 11.72 1.03
CA LEU A 125 3.47 11.96 -0.40
C LEU A 125 2.96 10.78 -1.24
N THR A 126 1.87 11.01 -1.97
CA THR A 126 1.25 9.96 -2.78
C THR A 126 2.16 9.49 -3.91
N ILE A 127 2.31 8.17 -4.01
CA ILE A 127 3.02 7.53 -5.08
C ILE A 127 2.15 7.52 -6.33
N ASN A 128 2.63 8.02 -7.46
CA ASN A 128 1.88 7.86 -8.73
C ASN A 128 2.80 7.90 -9.92
N ASN A 129 2.29 7.46 -11.06
CA ASN A 129 3.07 7.45 -12.28
C ASN A 129 3.68 8.80 -12.56
N GLU A 130 2.84 9.84 -12.55
CA GLU A 130 3.25 11.20 -12.88
C GLU A 130 4.56 11.58 -12.21
N ARG A 131 4.58 11.40 -10.88
CA ARG A 131 5.75 11.72 -10.10
C ARG A 131 6.87 10.69 -10.27
N ALA A 132 6.50 9.42 -10.36
CA ALA A 132 7.53 8.38 -10.42
C ALA A 132 8.40 8.47 -11.70
N GLN A 133 7.94 9.25 -12.68
CA GLN A 133 8.71 9.46 -13.90
C GLN A 133 10.03 10.14 -13.59
N TYR A 134 9.99 11.05 -12.62
CA TYR A 134 11.10 11.98 -12.39
C TYR A 134 11.79 11.75 -11.05
N ILE A 135 11.18 10.97 -10.16
CA ILE A 135 11.81 10.69 -8.86
C ILE A 135 11.68 9.23 -8.43
N GLU A 136 12.46 8.87 -7.42
CA GLU A 136 12.41 7.53 -6.83
C GLU A 136 11.53 7.54 -5.57
N PHE A 137 10.48 6.72 -5.55
CA PHE A 137 9.68 6.55 -4.32
C PHE A 137 10.15 5.32 -3.58
N SER A 138 10.06 5.35 -2.25
CA SER A 138 10.25 4.12 -1.49
C SER A 138 9.00 3.31 -1.61
N LYS A 139 9.08 2.04 -1.22
CA LYS A 139 7.91 1.25 -0.86
C LYS A 139 7.06 2.03 0.14
N PRO A 140 5.74 1.85 0.06
CA PRO A 140 4.78 2.62 0.87
C PRO A 140 5.01 2.50 2.38
N PHE A 141 5.05 3.63 3.09
CA PHE A 141 5.14 3.54 4.54
C PHE A 141 3.73 3.58 5.11
N LYS A 142 2.77 3.89 4.23
CA LYS A 142 1.38 3.91 4.60
C LYS A 142 0.49 3.58 3.41
N TYR A 143 -0.42 2.62 3.58
CA TYR A 143 -1.42 2.31 2.55
C TYR A 143 -2.74 2.94 2.93
N GLN A 144 -3.38 3.61 1.97
CA GLN A 144 -4.63 4.29 2.25
C GLN A 144 -5.35 4.54 0.91
N GLY A 145 -6.15 5.60 0.84
CA GLY A 145 -6.73 5.93 -0.44
C GLY A 145 -7.49 7.22 -0.43
N LEU A 146 -8.43 7.37 -1.35
CA LEU A 146 -9.19 8.60 -1.46
C LEU A 146 -10.62 8.41 -0.97
N THR A 147 -11.12 9.40 -0.26
CA THR A 147 -12.51 9.36 0.17
C THR A 147 -12.98 10.80 0.21
N ILE A 148 -14.22 11.02 0.66
CA ILE A 148 -14.86 12.34 0.62
C ILE A 148 -15.33 12.79 1.99
N LEU A 149 -15.12 14.06 2.32
CA LEU A 149 -15.54 14.62 3.61
C LEU A 149 -16.69 15.61 3.45
N VAL A 150 -17.67 15.56 4.35
CA VAL A 150 -18.84 16.42 4.26
C VAL A 150 -19.28 16.80 5.66
N LYS A 151 -20.02 17.90 5.79
CA LYS A 151 -20.66 18.19 7.06
C LYS A 151 -21.69 17.11 7.33
N LYS A 152 -21.81 16.71 8.59
CA LYS A 152 -22.83 15.76 8.99
C LYS A 152 -24.23 16.22 8.57
N GLY A 153 -24.91 15.40 7.78
CA GLY A 153 -26.23 15.76 7.31
C GLY A 153 -26.27 15.98 5.82
N THR A 154 -25.10 16.17 5.21
CA THR A 154 -25.02 16.23 3.77
C THR A 154 -25.09 14.83 3.20
N ARG A 155 -26.02 14.61 2.28
CA ARG A 155 -26.25 13.26 1.76
C ARG A 155 -25.65 13.07 0.36
N ILE A 156 -24.62 12.22 0.31
CA ILE A 156 -23.81 11.97 -0.88
C ILE A 156 -23.42 10.50 -0.86
N THR A 157 -23.51 9.81 -1.98
CA THR A 157 -23.16 8.38 -1.98
C THR A 157 -21.64 8.12 -2.13
N GLY A 158 -20.92 9.06 -2.71
CA GLY A 158 -19.52 8.83 -3.05
C GLY A 158 -19.15 9.50 -4.37
N ILE A 159 -18.07 9.04 -4.97
CA ILE A 159 -17.50 9.73 -6.14
C ILE A 159 -18.42 9.66 -7.38
N ASN A 160 -19.43 8.80 -7.34
CA ASN A 160 -20.35 8.67 -8.47
C ASN A 160 -21.69 9.39 -8.27
N ASP A 161 -21.86 10.05 -7.14
CA ASP A 161 -23.08 10.79 -6.86
C ASP A 161 -23.39 11.79 -7.98
N PRO A 162 -24.68 11.89 -8.36
CA PRO A 162 -25.10 12.78 -9.44
C PRO A 162 -24.73 14.24 -9.18
N ARG A 163 -24.85 14.68 -7.93
CA ARG A 163 -24.42 16.03 -7.54
C ARG A 163 -22.92 16.19 -7.73
N LEU A 164 -22.20 15.07 -7.80
CA LEU A 164 -20.78 15.10 -8.12
C LEU A 164 -20.56 14.90 -9.62
N ARG A 165 -21.23 13.92 -10.21
CA ARG A 165 -20.99 13.62 -11.62
C ARG A 165 -21.67 14.60 -12.58
N ASN A 166 -22.82 15.16 -12.22
CA ASN A 166 -23.40 16.22 -13.02
C ASN A 166 -23.40 17.50 -12.19
N PRO A 167 -22.23 18.14 -12.08
CA PRO A 167 -21.98 19.23 -11.13
C PRO A 167 -22.65 20.53 -11.51
N SER A 168 -22.90 21.34 -10.50
CA SER A 168 -23.39 22.70 -10.68
C SER A 168 -22.99 23.51 -9.47
N ASP A 169 -23.07 24.83 -9.58
CA ASP A 169 -22.65 25.72 -8.50
C ASP A 169 -23.57 25.67 -7.28
N LYS A 170 -24.55 24.77 -7.32
CA LYS A 170 -25.49 24.60 -6.21
C LYS A 170 -24.92 23.63 -5.17
N PHE A 171 -24.01 22.75 -5.62
CA PHE A 171 -23.26 21.86 -4.73
C PHE A 171 -21.79 21.87 -5.11
N ILE A 172 -20.96 22.48 -4.26
CA ILE A 172 -19.56 22.69 -4.61
C ILE A 172 -18.63 21.67 -3.96
N TYR A 173 -17.86 20.97 -4.77
CA TYR A 173 -16.86 20.07 -4.21
C TYR A 173 -15.52 20.47 -4.79
N ALA A 174 -14.46 20.10 -4.07
CA ALA A 174 -13.13 20.58 -4.39
C ALA A 174 -12.09 19.70 -3.74
N THR A 175 -10.85 19.83 -4.22
CA THR A 175 -9.72 19.20 -3.57
C THR A 175 -8.63 20.24 -3.32
N VAL A 176 -7.43 19.76 -2.97
CA VAL A 176 -6.30 20.64 -2.76
C VAL A 176 -5.55 20.96 -4.07
N LYS A 177 -5.27 22.24 -4.28
CA LYS A 177 -4.56 22.65 -5.50
C LYS A 177 -3.18 22.04 -5.57
N GLN A 178 -2.75 21.74 -6.79
CA GLN A 178 -1.41 21.22 -7.08
C GLN A 178 -1.07 20.04 -6.16
N SER A 179 -2.01 19.10 -6.08
CA SER A 179 -1.84 17.86 -5.34
C SER A 179 -2.06 16.64 -6.21
N SER A 180 -1.85 15.48 -5.60
CA SER A 180 -1.96 14.20 -6.29
C SER A 180 -3.40 13.93 -6.70
N VAL A 181 -4.33 14.48 -5.92
CA VAL A 181 -5.74 14.33 -6.21
C VAL A 181 -6.13 15.22 -7.38
N ASP A 182 -5.54 16.41 -7.40
CA ASP A 182 -5.67 17.29 -8.54
C ASP A 182 -5.21 16.57 -9.84
N ILE A 183 -4.05 15.93 -9.77
CA ILE A 183 -3.53 15.13 -10.87
C ILE A 183 -4.49 14.03 -11.26
N TYR A 184 -4.99 13.31 -10.26
CA TYR A 184 -5.87 12.17 -10.49
C TYR A 184 -7.10 12.56 -11.32
N PHE A 185 -7.64 13.74 -11.08
CA PHE A 185 -8.82 14.16 -11.80
C PHE A 185 -8.48 14.77 -13.16
N ARG A 186 -7.31 15.41 -13.26
CA ARG A 186 -6.85 16.00 -14.51
C ARG A 186 -6.41 14.90 -15.48
N ARG A 187 -6.12 13.73 -14.92
CA ARG A 187 -5.50 12.61 -15.63
C ARG A 187 -6.37 11.95 -16.68
N GLN A 188 -7.63 11.66 -16.33
CA GLN A 188 -8.56 10.94 -17.20
C GLN A 188 -9.59 11.86 -17.86
N VAL A 189 -9.78 11.70 -19.17
CA VAL A 189 -10.72 12.58 -19.89
C VAL A 189 -12.17 12.34 -19.46
N GLU A 190 -12.47 11.16 -18.93
CA GLU A 190 -13.84 10.87 -18.48
C GLU A 190 -14.21 11.66 -17.24
N LEU A 191 -13.19 12.14 -16.53
CA LEU A 191 -13.40 12.91 -15.30
C LEU A 191 -13.34 14.40 -15.60
N SER A 192 -13.28 14.73 -16.89
CA SER A 192 -13.18 16.12 -17.34
C SER A 192 -14.25 17.04 -16.76
N THR A 193 -15.49 16.57 -16.74
CA THR A 193 -16.59 17.37 -16.21
C THR A 193 -16.34 17.70 -14.74
N MET A 194 -15.87 16.73 -13.99
CA MET A 194 -15.65 16.93 -12.58
C MET A 194 -14.52 17.94 -12.36
N TYR A 195 -13.50 17.90 -13.21
CA TYR A 195 -12.29 18.69 -12.98
C TYR A 195 -12.51 20.19 -13.09
N ARG A 196 -13.20 20.65 -14.12
CA ARG A 196 -13.27 22.10 -14.24
C ARG A 196 -14.43 22.67 -13.43
N HIS A 197 -15.12 21.81 -12.70
CA HIS A 197 -15.85 22.24 -11.51
C HIS A 197 -14.86 22.47 -10.37
N MET A 198 -14.14 21.41 -10.00
CA MET A 198 -13.12 21.46 -8.96
C MET A 198 -12.09 22.58 -9.15
N GLU A 199 -11.60 22.76 -10.38
CA GLU A 199 -10.53 23.71 -10.63
C GLU A 199 -10.95 25.12 -10.27
N LYS A 200 -12.26 25.34 -10.29
CA LYS A 200 -12.83 26.61 -9.93
C LYS A 200 -12.88 26.81 -8.41
N HIS A 201 -12.77 25.72 -7.66
CA HIS A 201 -13.00 25.81 -6.22
C HIS A 201 -11.88 25.24 -5.35
N ASN A 202 -10.88 24.62 -5.97
CA ASN A 202 -9.79 23.99 -5.24
C ASN A 202 -9.13 24.94 -4.23
N TYR A 203 -8.68 24.37 -3.12
CA TYR A 203 -8.17 25.15 -1.99
C TYR A 203 -6.68 25.07 -1.86
N GLU A 204 -6.10 26.07 -1.21
CA GLU A 204 -4.66 26.17 -1.08
C GLU A 204 -4.05 25.09 -0.18
N SER A 205 -4.84 24.60 0.77
CA SER A 205 -4.37 23.52 1.65
C SER A 205 -5.52 22.71 2.24
N ALA A 206 -5.19 21.48 2.63
CA ALA A 206 -6.09 20.58 3.32
C ALA A 206 -6.83 21.22 4.51
N ALA A 207 -6.08 21.93 5.34
CA ALA A 207 -6.66 22.62 6.49
C ALA A 207 -7.75 23.62 6.08
N GLU A 208 -7.46 24.49 5.11
CA GLU A 208 -8.45 25.48 4.65
C GLU A 208 -9.68 24.82 4.03
N ALA A 209 -9.50 23.68 3.38
CA ALA A 209 -10.64 22.99 2.81
C ALA A 209 -11.48 22.36 3.92
N ILE A 210 -10.83 21.67 4.86
CA ILE A 210 -11.57 21.06 5.96
C ILE A 210 -12.39 22.13 6.69
N GLN A 211 -11.72 23.22 7.06
CA GLN A 211 -12.41 24.35 7.68
C GLN A 211 -13.60 24.83 6.84
N ALA A 212 -13.41 24.94 5.52
CA ALA A 212 -14.45 25.46 4.66
C ALA A 212 -15.68 24.56 4.63
N VAL A 213 -15.50 23.25 4.84
CA VAL A 213 -16.63 22.34 4.99
C VAL A 213 -17.41 22.68 6.27
N ARG A 214 -16.70 22.78 7.41
CA ARG A 214 -17.34 23.12 8.69
C ARG A 214 -18.10 24.43 8.62
N ASP A 215 -17.58 25.37 7.84
CA ASP A 215 -18.23 26.65 7.66
C ASP A 215 -19.29 26.60 6.56
N ASN A 216 -19.54 25.40 6.04
CA ASN A 216 -20.53 25.21 4.99
C ASN A 216 -20.29 26.08 3.74
N LYS A 217 -19.05 26.55 3.58
CA LYS A 217 -18.65 27.23 2.35
C LYS A 217 -18.12 26.20 1.33
N LEU A 218 -17.94 24.97 1.79
CA LEU A 218 -17.57 23.86 0.92
C LEU A 218 -18.46 22.65 1.23
N HIS A 219 -19.04 22.04 0.20
CA HIS A 219 -19.98 20.97 0.43
C HIS A 219 -19.33 19.57 0.54
N ALA A 220 -18.34 19.30 -0.31
CA ALA A 220 -17.57 18.06 -0.20
C ALA A 220 -16.08 18.27 -0.49
N PHE A 221 -15.22 17.65 0.32
CA PHE A 221 -13.78 17.78 0.17
C PHE A 221 -13.20 16.41 -0.20
N ILE A 222 -12.59 16.32 -1.38
CA ILE A 222 -12.07 15.04 -1.80
C ILE A 222 -10.58 15.00 -1.44
N TRP A 223 -10.16 13.97 -0.70
CA TRP A 223 -8.80 13.97 -0.15
C TRP A 223 -8.38 12.59 0.36
N ASP A 224 -7.15 12.50 0.88
CA ASP A 224 -6.59 11.27 1.43
C ASP A 224 -7.39 10.83 2.64
N SER A 225 -7.67 9.53 2.71
CA SER A 225 -8.51 8.99 3.77
C SER A 225 -7.79 8.99 5.12
N ALA A 226 -6.48 8.74 5.10
CA ALA A 226 -5.70 8.72 6.33
C ALA A 226 -5.74 10.07 7.02
N VAL A 227 -5.88 11.15 6.25
CA VAL A 227 -6.10 12.49 6.82
C VAL A 227 -7.58 12.70 7.18
N LEU A 228 -8.48 12.40 6.25
CA LEU A 228 -9.91 12.69 6.44
C LEU A 228 -10.56 11.89 7.57
N GLU A 229 -10.17 10.63 7.74
CA GLU A 229 -10.73 9.82 8.80
C GLU A 229 -10.22 10.31 10.17
N PHE A 230 -8.98 10.79 10.21
CA PHE A 230 -8.46 11.42 11.40
C PHE A 230 -9.29 12.65 11.74
N GLU A 231 -9.47 13.54 10.77
CA GLU A 231 -10.22 14.76 10.99
C GLU A 231 -11.62 14.47 11.53
N ALA A 232 -12.31 13.53 10.88
CA ALA A 232 -13.67 13.17 11.26
C ALA A 232 -13.70 12.61 12.68
N SER A 233 -12.57 12.06 13.13
CA SER A 233 -12.48 11.48 14.47
C SER A 233 -12.27 12.55 15.52
N GLN A 234 -11.62 13.66 15.15
CA GLN A 234 -11.43 14.77 16.08
C GLN A 234 -12.58 15.76 15.96
N LYS A 235 -13.23 15.77 14.81
CA LYS A 235 -14.29 16.74 14.56
C LYS A 235 -15.60 16.05 14.15
N CYS A 236 -16.51 15.95 15.13
CA CYS A 236 -17.70 15.11 14.99
C CYS A 236 -18.84 15.77 14.21
N ASP A 237 -18.66 17.02 13.80
CA ASP A 237 -19.60 17.64 12.87
C ASP A 237 -19.17 17.34 11.43
N LEU A 238 -18.09 16.60 11.29
CA LEU A 238 -17.60 16.19 9.98
C LEU A 238 -17.63 14.68 9.85
N VAL A 239 -18.02 14.18 8.68
CA VAL A 239 -17.99 12.73 8.41
C VAL A 239 -17.48 12.44 7.00
N THR A 240 -16.94 11.24 6.80
CA THR A 240 -16.62 10.77 5.46
C THR A 240 -17.68 9.84 4.89
N THR A 241 -17.61 9.67 3.57
CA THR A 241 -18.35 8.64 2.84
C THR A 241 -18.25 7.29 3.55
N GLU A 243 -16.17 5.18 2.59
CA GLU A 243 -15.86 4.42 1.39
C GLU A 243 -14.64 4.96 0.63
N LEU A 244 -13.61 4.11 0.49
CA LEU A 244 -12.49 4.43 -0.35
C LEU A 244 -12.86 4.21 -1.80
N PHE A 245 -12.75 5.24 -2.64
CA PHE A 245 -13.06 5.07 -4.06
C PHE A 245 -11.79 4.86 -4.88
N PHE A 246 -10.65 4.90 -4.21
CA PHE A 246 -9.36 4.72 -4.88
C PHE A 246 -8.34 4.35 -3.83
N ARG A 247 -7.37 3.51 -4.19
CA ARG A 247 -6.33 3.11 -3.25
C ARG A 247 -5.00 3.67 -3.69
N SER A 248 -4.23 4.17 -2.73
CA SER A 248 -2.89 4.70 -2.99
C SER A 248 -2.03 4.72 -1.72
N GLY A 249 -0.73 4.93 -1.88
CA GLY A 249 0.19 4.88 -0.76
C GLY A 249 1.10 6.08 -0.64
N PHE A 250 1.56 6.35 0.58
CA PHE A 250 2.57 7.38 0.80
C PHE A 250 3.96 6.76 0.77
N GLY A 251 4.89 7.45 0.12
CA GLY A 251 6.26 6.97 0.07
C GLY A 251 7.26 8.09 0.27
N ILE A 252 8.46 7.73 0.73
CA ILE A 252 9.57 8.67 0.76
C ILE A 252 10.05 9.04 -0.64
N GLY A 253 10.26 10.33 -0.89
CA GLY A 253 10.70 10.80 -2.19
C GLY A 253 12.16 11.17 -2.25
N MET A 254 12.86 10.58 -3.22
CA MET A 254 14.29 10.83 -3.44
C MET A 254 14.57 11.09 -4.91
N ARG A 255 15.72 11.69 -5.21
CA ARG A 255 16.14 11.84 -6.61
C ARG A 255 16.66 10.51 -7.12
N LYS A 256 16.64 10.32 -8.44
CA LYS A 256 17.04 9.03 -9.03
C LYS A 256 18.42 8.57 -8.58
N ASP A 257 19.32 9.51 -8.33
CA ASP A 257 20.70 9.16 -7.96
C ASP A 257 20.95 8.90 -6.48
N SER A 258 19.93 8.99 -5.62
CA SER A 258 20.15 8.82 -4.17
C SER A 258 20.81 7.49 -3.81
N PRO A 259 21.90 7.56 -3.04
CA PRO A 259 22.53 6.31 -2.61
C PRO A 259 21.70 5.67 -1.50
N TRP A 260 20.72 6.42 -1.01
CA TRP A 260 19.91 6.00 0.13
C TRP A 260 18.71 5.14 -0.24
N LYS A 261 18.29 5.14 -1.50
CA LYS A 261 16.98 4.58 -1.86
C LYS A 261 16.82 3.12 -1.39
N GLN A 262 17.81 2.26 -1.63
CA GLN A 262 17.64 0.85 -1.28
C GLN A 262 17.37 0.71 0.21
N ASN A 263 18.21 1.33 1.03
CA ASN A 263 18.13 1.14 2.48
C ASN A 263 16.91 1.83 3.08
N VAL A 264 16.45 2.90 2.45
CA VAL A 264 15.21 3.49 2.92
C VAL A 264 14.08 2.46 2.80
N SER A 265 13.92 1.86 1.62
CA SER A 265 12.86 0.85 1.44
C SER A 265 13.02 -0.38 2.33
N LEU A 266 14.23 -0.92 2.44
CA LEU A 266 14.47 -2.04 3.36
C LEU A 266 14.04 -1.64 4.78
N SER A 267 14.35 -0.41 5.17
CA SER A 267 14.00 0.04 6.51
C SER A 267 12.48 0.07 6.71
N ILE A 268 11.75 0.54 5.70
CA ILE A 268 10.30 0.66 5.77
C ILE A 268 9.59 -0.70 5.83
N LEU A 269 10.11 -1.64 5.04
CA LEU A 269 9.61 -2.99 5.05
C LEU A 269 9.81 -3.60 6.42
N LYS A 270 10.99 -3.38 7.00
CA LYS A 270 11.33 -3.96 8.29
C LYS A 270 10.40 -3.37 9.33
N SER A 271 10.14 -2.06 9.21
CA SER A 271 9.29 -1.35 10.17
C SER A 271 7.83 -1.79 10.11
N HIS A 272 7.35 -2.14 8.91
CA HIS A 272 6.03 -2.74 8.78
C HIS A 272 6.01 -4.09 9.50
N GLU A 273 7.07 -4.88 9.34
CA GLU A 273 7.05 -6.28 9.76
C GLU A 273 7.27 -6.45 11.26
N ASN A 274 7.92 -5.48 11.91
CA ASN A 274 8.18 -5.62 13.35
C ASN A 274 7.25 -4.76 14.21
N GLY A 275 6.20 -4.21 13.60
CA GLY A 275 5.20 -3.47 14.34
C GLY A 275 5.54 -2.03 14.63
N PHE A 276 6.69 -1.55 14.16
CA PHE A 276 7.00 -0.13 14.34
C PHE A 276 5.93 0.73 13.67
N MET A 277 5.57 0.44 12.42
CA MET A 277 4.50 1.19 11.77
C MET A 277 3.19 1.08 12.54
N GLU A 278 2.92 -0.11 13.07
CA GLU A 278 1.75 -0.33 13.89
C GLU A 278 1.73 0.66 15.06
N ASP A 279 2.82 0.70 15.83
CA ASP A 279 3.03 1.76 16.82
C ASP A 279 2.73 3.18 16.32
N LEU A 280 3.25 3.55 15.15
CA LEU A 280 3.03 4.92 14.68
C LEU A 280 1.57 5.13 14.32
N ASP A 281 0.99 4.14 13.65
CA ASP A 281 -0.37 4.25 13.18
C ASP A 281 -1.29 4.40 14.37
N LYS A 282 -1.03 3.66 15.45
CA LYS A 282 -1.85 3.77 16.63
C LYS A 282 -1.75 5.16 17.25
N THR A 283 -0.53 5.61 17.45
CA THR A 283 -0.26 6.90 18.08
C THR A 283 -0.86 8.11 17.35
N TRP A 284 -0.75 8.15 16.04
CA TRP A 284 -1.07 9.36 15.29
C TRP A 284 -2.34 9.25 14.47
N VAL A 285 -2.46 8.14 13.75
CA VAL A 285 -3.47 7.99 12.70
C VAL A 285 -4.84 7.56 13.25
N ARG A 286 -4.83 6.75 14.30
CA ARG A 286 -6.09 6.26 14.87
C ARG A 286 -6.59 7.13 16.04
N TYR A 287 -5.71 7.94 16.62
CA TYR A 287 -6.11 8.88 17.69
C TYR A 287 -5.57 10.29 17.46
N ASP B 2 19.09 -12.27 -28.26
CA ASP B 2 17.67 -11.91 -28.22
C ASP B 2 17.26 -11.40 -26.85
N ASP B 3 17.54 -10.12 -26.59
CA ASP B 3 17.41 -9.52 -25.26
C ASP B 3 15.99 -9.14 -24.84
N ASN B 4 15.00 -9.47 -25.66
CA ASN B 4 13.67 -8.95 -25.43
C ASN B 4 12.65 -10.09 -25.29
N HIS B 5 13.14 -11.31 -25.42
CA HIS B 5 12.37 -12.50 -25.08
C HIS B 5 12.79 -12.90 -23.66
N LEU B 6 11.82 -12.96 -22.75
CA LEU B 6 12.10 -13.06 -21.31
C LEU B 6 11.62 -14.35 -20.65
N SER B 7 12.52 -15.08 -20.01
CA SER B 7 12.09 -16.16 -19.12
C SER B 7 11.34 -15.59 -17.92
N ILE B 8 10.16 -16.11 -17.65
CA ILE B 8 9.32 -15.59 -16.55
C ILE B 8 8.73 -16.73 -15.71
N VAL B 9 8.91 -16.67 -14.39
CA VAL B 9 8.49 -17.77 -13.54
C VAL B 9 7.20 -17.43 -12.78
N THR B 10 6.34 -18.41 -12.60
CA THR B 10 5.12 -18.23 -11.82
C THR B 10 4.81 -19.49 -11.00
N LEU B 11 3.64 -19.51 -10.37
CA LEU B 11 3.30 -20.56 -9.42
C LEU B 11 1.79 -20.66 -9.33
N GLU B 12 1.26 -21.88 -9.36
CA GLU B 12 -0.18 -22.03 -9.28
C GLU B 12 -0.69 -21.62 -7.91
N GLU B 13 -1.73 -20.80 -7.88
CA GLU B 13 -2.31 -20.29 -6.64
C GLU B 13 -3.60 -19.55 -6.95
N ALA B 14 -4.71 -20.27 -7.07
CA ALA B 14 -5.94 -19.63 -7.50
C ALA B 14 -6.37 -18.60 -6.45
N PRO B 15 -6.98 -17.49 -6.89
CA PRO B 15 -7.25 -17.05 -8.28
C PRO B 15 -6.20 -16.13 -8.89
N PHE B 16 -4.97 -16.14 -8.39
CA PHE B 16 -3.98 -15.27 -8.99
C PHE B 16 -3.38 -15.97 -10.17
N VAL B 17 -3.10 -17.26 -10.00
CA VAL B 17 -2.63 -18.08 -11.10
C VAL B 17 -3.39 -19.41 -11.10
N ILE B 18 -4.05 -19.70 -12.21
CA ILE B 18 -4.85 -20.91 -12.39
C ILE B 18 -4.26 -21.73 -13.54
N VAL B 19 -3.96 -23.00 -13.29
CA VAL B 19 -3.37 -23.85 -14.33
C VAL B 19 -4.40 -24.80 -14.90
N GLU B 20 -4.44 -24.87 -16.22
CA GLU B 20 -5.35 -25.79 -16.91
C GLU B 20 -4.61 -26.60 -17.96
N ASP B 21 -5.19 -27.72 -18.36
CA ASP B 21 -4.60 -28.51 -19.43
C ASP B 21 -4.76 -27.81 -20.76
N ILE B 22 -4.12 -28.40 -21.77
CA ILE B 22 -4.14 -27.84 -23.08
C ILE B 22 -5.13 -28.67 -23.91
N PRO B 24 -6.18 -28.02 -24.41
CA PRO B 24 -7.36 -28.73 -24.93
C PRO B 24 -7.24 -29.30 -26.34
N LEU B 25 -8.35 -29.21 -27.10
CA LEU B 25 -8.50 -29.80 -28.43
C LEU B 25 -7.32 -29.50 -29.36
N THR B 26 -7.28 -28.29 -29.93
CA THR B 26 -6.10 -27.82 -30.66
C THR B 26 -4.95 -27.77 -29.68
N GLU B 27 -3.72 -28.02 -30.15
CA GLU B 27 -2.58 -28.07 -29.22
C GLU B 27 -2.13 -26.67 -28.76
N THR B 28 -3.09 -25.81 -28.45
CA THR B 28 -2.83 -24.39 -28.22
C THR B 28 -3.68 -23.80 -27.09
N CYS B 29 -3.10 -22.84 -26.38
CA CYS B 29 -3.79 -22.16 -25.30
C CYS B 29 -4.72 -21.07 -25.83
N VAL B 30 -5.98 -21.10 -25.40
CA VAL B 30 -6.99 -20.24 -26.00
C VAL B 30 -7.69 -19.34 -24.99
N ARG B 31 -8.69 -18.62 -25.47
CA ARG B 31 -9.43 -17.69 -24.62
C ARG B 31 -8.49 -16.67 -23.97
N ASN B 32 -8.59 -16.57 -22.65
CA ASN B 32 -7.82 -15.61 -21.86
C ASN B 32 -6.60 -16.22 -21.20
N THR B 33 -6.20 -17.41 -21.65
CA THR B 33 -5.07 -18.10 -21.06
C THR B 33 -3.83 -17.89 -21.91
N VAL B 34 -2.67 -18.13 -21.31
CA VAL B 34 -1.40 -18.07 -22.00
C VAL B 34 -0.64 -19.39 -21.79
N PRO B 35 0.25 -19.74 -22.74
CA PRO B 35 1.09 -20.93 -22.55
C PRO B 35 2.03 -20.80 -21.36
N CYS B 36 2.19 -21.88 -20.61
CA CYS B 36 3.15 -21.97 -19.52
C CYS B 36 3.56 -23.41 -19.38
N ARG B 37 4.86 -23.66 -19.22
CA ARG B 37 5.32 -25.04 -19.14
C ARG B 37 5.57 -25.45 -17.68
N LYS B 38 5.39 -26.73 -17.41
CA LYS B 38 5.60 -27.29 -16.08
C LYS B 38 6.43 -28.56 -16.20
N PHE B 39 7.47 -28.62 -15.38
CA PHE B 39 8.30 -29.80 -15.33
C PHE B 39 7.66 -30.77 -14.33
N VAL B 40 7.03 -31.81 -14.86
CA VAL B 40 6.20 -32.72 -14.07
C VAL B 40 6.97 -33.96 -13.68
N LYS B 41 7.20 -34.13 -12.37
CA LYS B 41 8.00 -35.24 -11.82
C LYS B 41 7.47 -36.63 -12.12
N ILE B 42 8.38 -37.59 -12.22
CA ILE B 42 8.00 -38.93 -12.63
C ILE B 42 7.34 -39.66 -11.46
N ASN B 43 7.94 -39.56 -10.28
CA ASN B 43 7.31 -39.99 -9.04
C ASN B 43 7.79 -39.07 -7.93
N ASN B 44 7.51 -39.41 -6.69
CA ASN B 44 7.86 -38.52 -5.58
C ASN B 44 9.26 -38.73 -5.03
N SER B 45 9.96 -39.74 -5.54
CA SER B 45 11.28 -40.06 -5.02
C SER B 45 12.38 -39.75 -6.01
N THR B 46 12.13 -38.83 -6.93
CA THR B 46 13.09 -38.63 -8.00
C THR B 46 13.20 -37.17 -8.44
N ASN B 47 14.32 -36.85 -9.07
CA ASN B 47 14.49 -35.56 -9.73
C ASN B 47 14.06 -35.62 -11.19
N GLU B 48 13.78 -36.84 -11.66
CA GLU B 48 13.35 -37.05 -13.02
C GLU B 48 12.03 -36.35 -13.29
N GLY B 49 11.85 -35.90 -14.52
CA GLY B 49 10.57 -35.37 -14.94
C GLY B 49 10.43 -35.16 -16.44
N MET B 50 9.37 -34.45 -16.81
CA MET B 50 9.06 -34.16 -18.19
C MET B 50 8.42 -32.79 -18.29
N ASN B 51 8.85 -32.01 -19.27
CA ASN B 51 8.20 -30.73 -19.51
C ASN B 51 6.87 -30.96 -20.19
N VAL B 52 5.85 -30.28 -19.67
CA VAL B 52 4.49 -30.48 -20.11
C VAL B 52 3.93 -29.11 -20.41
N LYS B 53 3.21 -28.98 -21.52
CA LYS B 53 2.63 -27.69 -21.89
C LYS B 53 1.28 -27.46 -21.20
N LYS B 54 1.19 -26.39 -20.42
CA LYS B 54 -0.05 -26.10 -19.69
C LYS B 54 -0.57 -24.75 -20.14
N CYS B 55 -1.74 -24.37 -19.66
CA CYS B 55 -2.29 -23.07 -19.95
C CYS B 55 -2.53 -22.34 -18.62
N CYS B 56 -2.13 -21.08 -18.52
CA CYS B 56 -2.28 -20.30 -17.29
C CYS B 56 -3.17 -19.09 -17.50
N LYS B 57 -3.96 -18.77 -16.49
CA LYS B 57 -4.79 -17.59 -16.51
C LYS B 57 -4.92 -17.10 -15.08
N GLY B 58 -5.55 -15.95 -14.90
CA GLY B 58 -5.77 -15.43 -13.56
C GLY B 58 -5.36 -13.97 -13.46
N PHE B 59 -5.63 -13.38 -12.29
CA PHE B 59 -5.38 -11.96 -12.03
C PHE B 59 -3.95 -11.57 -12.39
N CYS B 60 -2.97 -12.34 -11.93
CA CYS B 60 -1.58 -12.01 -12.19
C CYS B 60 -1.20 -12.23 -13.65
N ILE B 61 -1.88 -13.16 -14.31
CA ILE B 61 -1.61 -13.45 -15.72
C ILE B 61 -2.13 -12.31 -16.60
N ASP B 62 -3.31 -11.80 -16.28
CA ASP B 62 -3.79 -10.59 -16.94
C ASP B 62 -2.82 -9.42 -16.76
N ILE B 63 -2.31 -9.26 -15.53
CA ILE B 63 -1.26 -8.26 -15.33
C ILE B 63 -0.08 -8.52 -16.25
N LEU B 64 0.34 -9.78 -16.35
CA LEU B 64 1.51 -10.12 -17.16
C LEU B 64 1.23 -9.78 -18.61
N LYS B 65 0.00 -10.06 -19.04
CA LYS B 65 -0.44 -9.76 -20.38
C LYS B 65 -0.40 -8.26 -20.60
N LYS B 66 -0.97 -7.51 -19.66
CA LYS B 66 -0.98 -6.07 -19.78
C LYS B 66 0.47 -5.53 -19.78
N LEU B 67 1.33 -6.10 -18.96
CA LEU B 67 2.71 -5.62 -18.93
C LEU B 67 3.41 -5.91 -20.26
N SER B 68 3.22 -7.12 -20.78
CA SER B 68 3.90 -7.51 -22.01
C SER B 68 3.55 -6.58 -23.18
N ARG B 69 2.28 -6.22 -23.31
CA ARG B 69 1.82 -5.32 -24.35
C ARG B 69 2.32 -3.87 -24.19
N THR B 70 2.58 -3.44 -22.95
CA THR B 70 2.81 -2.02 -22.67
C THR B 70 4.30 -1.70 -22.62
N VAL B 71 5.04 -2.60 -21.99
CA VAL B 71 6.47 -2.53 -21.86
C VAL B 71 7.13 -3.16 -23.10
N LYS B 72 6.32 -3.83 -23.90
CA LYS B 72 6.78 -4.41 -25.17
C LYS B 72 7.86 -5.50 -25.00
N PHE B 73 7.49 -6.62 -24.39
CA PHE B 73 8.42 -7.75 -24.31
C PHE B 73 7.68 -9.04 -24.58
N THR B 74 8.42 -10.10 -24.89
CA THR B 74 7.80 -11.41 -25.01
C THR B 74 8.38 -12.35 -23.96
N TYR B 75 7.71 -13.46 -23.73
CA TYR B 75 8.12 -14.35 -22.64
C TYR B 75 7.87 -15.83 -22.88
N ASP B 76 8.69 -16.66 -22.25
CA ASP B 76 8.39 -18.06 -22.10
C ASP B 76 8.10 -18.28 -20.63
N LEU B 77 6.81 -18.43 -20.33
CA LEU B 77 6.31 -18.54 -18.98
C LEU B 77 6.42 -19.98 -18.48
N TYR B 78 6.91 -20.16 -17.26
CA TYR B 78 6.98 -21.49 -16.66
C TYR B 78 6.67 -21.49 -15.16
N LEU B 79 6.11 -22.60 -14.71
CA LEU B 79 5.73 -22.82 -13.31
C LEU B 79 6.89 -23.35 -12.49
N VAL B 80 7.17 -22.75 -11.34
CA VAL B 80 8.28 -23.22 -10.52
C VAL B 80 7.97 -24.57 -9.87
N THR B 81 8.94 -25.47 -9.85
CA THR B 81 8.69 -26.80 -9.30
C THR B 81 9.54 -27.06 -8.08
N ASN B 82 10.54 -26.21 -7.86
CA ASN B 82 11.42 -26.39 -6.73
C ASN B 82 11.11 -25.44 -5.58
N GLY B 83 10.11 -25.82 -4.77
CA GLY B 83 9.60 -24.94 -3.74
C GLY B 83 8.37 -24.23 -4.26
N LYS B 84 7.95 -23.19 -3.55
CA LYS B 84 6.78 -22.42 -3.92
C LYS B 84 7.15 -20.94 -4.15
N HIS B 85 6.76 -20.04 -3.26
CA HIS B 85 7.05 -18.63 -3.46
C HIS B 85 8.54 -18.31 -3.26
N GLY B 86 9.14 -18.83 -2.19
CA GLY B 86 10.58 -18.70 -2.01
C GLY B 86 11.00 -18.67 -0.56
N LYS B 87 11.93 -19.54 -0.20
CA LYS B 87 12.48 -19.64 1.15
C LYS B 87 14.00 -19.78 1.11
N LYS B 88 14.73 -19.13 2.01
CA LYS B 88 16.16 -19.40 2.15
C LYS B 88 16.30 -20.70 2.95
N VAL B 89 16.83 -21.70 2.27
CA VAL B 89 17.04 -23.03 2.81
C VAL B 89 18.51 -23.41 2.70
N ASN B 90 19.18 -23.51 3.86
CA ASN B 90 20.60 -23.87 3.89
C ASN B 90 21.40 -22.90 3.02
N ASN B 91 21.30 -21.62 3.35
CA ASN B 91 21.87 -20.50 2.57
C ASN B 91 21.37 -20.43 1.11
N VAL B 92 20.30 -21.15 0.80
CA VAL B 92 19.85 -21.17 -0.59
C VAL B 92 18.36 -20.88 -0.76
N TRP B 93 18.11 -19.89 -1.62
CA TRP B 93 16.78 -19.47 -2.00
C TRP B 93 16.18 -20.47 -2.97
N ASN B 94 15.00 -20.97 -2.62
CA ASN B 94 14.24 -21.84 -3.50
C ASN B 94 13.07 -21.07 -4.09
N GLY B 95 12.15 -21.80 -4.73
CA GLY B 95 10.90 -21.25 -5.24
C GLY B 95 11.07 -20.14 -6.28
N MET B 96 10.05 -19.28 -6.40
CA MET B 96 10.10 -18.23 -7.42
C MET B 96 11.29 -17.27 -7.20
N ILE B 97 11.49 -16.86 -5.94
CA ILE B 97 12.60 -16.01 -5.58
C ILE B 97 13.93 -16.58 -6.11
N GLY B 98 14.17 -17.84 -5.82
CA GLY B 98 15.43 -18.45 -6.19
C GLY B 98 15.63 -18.40 -7.69
N GLU B 99 14.56 -18.71 -8.41
CA GLU B 99 14.62 -18.74 -9.86
C GLU B 99 15.14 -17.42 -10.37
N VAL B 100 14.77 -16.35 -9.69
CA VAL B 100 15.15 -15.01 -10.09
C VAL B 100 16.60 -14.76 -9.67
N VAL B 101 16.91 -15.14 -8.43
CA VAL B 101 18.22 -14.91 -7.84
C VAL B 101 19.33 -15.60 -8.63
N TYR B 102 19.06 -16.83 -9.07
CA TYR B 102 20.06 -17.61 -9.77
C TYR B 102 19.90 -17.49 -11.29
N GLN B 103 19.18 -16.45 -11.69
CA GLN B 103 19.11 -15.99 -13.08
C GLN B 103 18.48 -16.99 -14.07
N ARG B 104 17.54 -17.78 -13.60
CA ARG B 104 16.79 -18.62 -14.50
C ARG B 104 15.56 -17.86 -14.98
N ALA B 105 15.15 -16.86 -14.20
CA ALA B 105 14.04 -16.00 -14.59
C ALA B 105 14.45 -14.55 -14.53
N VAL B 106 13.86 -13.74 -15.40
CA VAL B 106 14.07 -12.30 -15.41
C VAL B 106 13.07 -11.68 -14.44
N MET B 107 11.91 -12.32 -14.34
CA MET B 107 10.85 -11.88 -13.45
C MET B 107 10.10 -13.04 -12.82
N ALA B 108 9.58 -12.78 -11.62
CA ALA B 108 8.59 -13.62 -10.99
C ALA B 108 7.27 -12.85 -10.90
N VAL B 109 6.21 -13.53 -11.30
CA VAL B 109 4.86 -12.97 -11.38
C VAL B 109 3.98 -13.99 -10.68
N GLY B 110 3.15 -13.51 -9.77
CA GLY B 110 2.32 -14.38 -8.98
C GLY B 110 1.94 -13.68 -7.70
N SER B 111 1.37 -14.44 -6.77
CA SER B 111 0.97 -13.95 -5.48
C SER B 111 2.18 -13.94 -4.56
N LEU B 112 3.17 -13.12 -4.91
CA LEU B 112 4.45 -13.07 -4.21
C LEU B 112 4.52 -11.85 -3.27
N THR B 113 4.67 -12.10 -1.98
CA THR B 113 4.70 -11.02 -1.00
C THR B 113 6.02 -10.25 -0.95
N ILE B 114 5.92 -8.93 -1.00
CA ILE B 114 7.09 -8.07 -0.84
C ILE B 114 7.53 -8.08 0.63
N ASN B 115 8.78 -8.42 0.93
CA ASN B 115 9.24 -8.30 2.31
C ASN B 115 10.73 -7.94 2.38
N GLU B 116 11.18 -7.55 3.57
CA GLU B 116 12.56 -7.10 3.75
C GLU B 116 13.57 -8.14 3.29
N GLU B 117 13.41 -9.36 3.79
CA GLU B 117 14.38 -10.43 3.53
C GLU B 117 14.58 -10.68 2.04
N ARG B 118 13.47 -10.80 1.30
CA ARG B 118 13.54 -11.05 -0.14
C ARG B 118 14.13 -9.88 -0.88
N SER B 119 13.78 -8.67 -0.41
CA SER B 119 14.26 -7.43 -0.98
C SER B 119 15.77 -7.31 -0.88
N GLU B 120 16.39 -8.15 -0.06
CA GLU B 120 17.84 -8.13 0.05
C GLU B 120 18.45 -8.78 -1.16
N VAL B 121 17.76 -9.77 -1.75
CA VAL B 121 18.36 -10.51 -2.85
C VAL B 121 17.67 -10.28 -4.22
N VAL B 122 16.41 -9.84 -4.22
CA VAL B 122 15.74 -9.46 -5.46
C VAL B 122 15.25 -8.04 -5.28
N ASP B 123 14.96 -7.36 -6.39
CA ASP B 123 14.23 -6.11 -6.35
C ASP B 123 12.77 -6.42 -6.50
N PHE B 124 11.89 -5.55 -6.02
CA PHE B 124 10.47 -5.73 -6.27
C PHE B 124 9.93 -4.56 -7.03
N SER B 125 8.96 -4.82 -7.90
CA SER B 125 8.13 -3.74 -8.48
C SER B 125 7.41 -3.01 -7.36
N VAL B 126 6.66 -1.97 -7.72
CA VAL B 126 5.67 -1.44 -6.80
C VAL B 126 4.63 -2.53 -6.52
N PRO B 127 3.97 -2.46 -5.36
CA PRO B 127 2.92 -3.43 -5.04
C PRO B 127 1.68 -3.29 -5.92
N PHE B 128 1.07 -4.41 -6.34
CA PHE B 128 -0.09 -4.29 -7.20
C PHE B 128 -1.31 -4.95 -6.61
N VAL B 129 -1.14 -5.60 -5.47
CA VAL B 129 -2.25 -6.06 -4.61
C VAL B 129 -1.88 -5.80 -3.15
N GLU B 130 -2.72 -5.07 -2.43
CA GLU B 130 -2.49 -4.84 -1.00
C GLU B 130 -2.72 -6.12 -0.19
N THR B 131 -1.83 -6.38 0.77
CA THR B 131 -2.06 -7.47 1.70
C THR B 131 -1.36 -7.17 3.05
N GLY B 132 -1.21 -8.20 3.88
CA GLY B 132 -0.75 -8.05 5.25
C GLY B 132 -1.48 -9.06 6.12
N ILE B 133 -1.44 -8.88 7.45
CA ILE B 133 -2.14 -9.77 8.37
C ILE B 133 -3.49 -9.20 8.82
N SER B 134 -4.56 -9.90 8.48
CA SER B 134 -5.90 -9.44 8.82
C SER B 134 -6.63 -10.46 9.68
N VAL B 135 -7.86 -10.12 10.03
CA VAL B 135 -8.70 -10.96 10.88
C VAL B 135 -10.07 -11.16 10.23
N MET B 136 -10.56 -12.39 10.25
CA MET B 136 -11.93 -12.64 9.83
C MET B 136 -12.77 -13.12 11.00
N VAL B 137 -14.01 -12.64 11.07
CA VAL B 137 -14.93 -13.01 12.13
C VAL B 137 -16.31 -13.34 11.55
N SER B 138 -17.18 -13.93 12.38
CA SER B 138 -18.59 -14.00 11.99
C SER B 138 -19.18 -12.64 12.28
N ARG B 139 -19.95 -12.09 11.33
CA ARG B 139 -20.62 -10.81 11.52
C ARG B 139 -21.33 -10.75 12.89
N GLY B 140 -21.11 -9.66 13.62
CA GLY B 140 -21.57 -9.60 14.99
C GLY B 140 -20.38 -9.49 15.92
N THR B 141 -19.53 -10.52 15.90
CA THR B 141 -18.28 -10.53 16.67
C THR B 141 -17.50 -9.23 16.49
N GLN B 142 -17.09 -8.62 17.61
CA GLN B 142 -16.39 -7.35 17.58
C GLN B 142 -14.91 -7.48 17.95
N VAL B 143 -14.03 -7.18 16.99
CA VAL B 143 -12.60 -6.98 17.23
C VAL B 143 -12.05 -5.94 16.28
N THR B 144 -10.91 -5.36 16.63
CA THR B 144 -10.11 -4.68 15.64
C THR B 144 -9.05 -5.68 15.18
N GLY B 145 -7.96 -5.20 14.63
CA GLY B 145 -6.96 -6.10 14.07
C GLY B 145 -6.17 -6.90 15.07
N LEU B 146 -5.06 -7.43 14.58
CA LEU B 146 -4.12 -8.24 15.35
C LEU B 146 -3.77 -7.63 16.70
N SER B 147 -3.60 -6.31 16.76
CA SER B 147 -3.04 -5.66 17.94
C SER B 147 -4.07 -5.36 19.03
N ASP B 148 -5.31 -5.74 18.77
CA ASP B 148 -6.38 -5.65 19.75
C ASP B 148 -5.98 -6.39 21.03
N LYS B 149 -6.34 -5.83 22.19
CA LYS B 149 -5.96 -6.48 23.44
C LYS B 149 -6.66 -7.83 23.59
N LYS B 150 -7.87 -7.96 23.04
CA LYS B 150 -8.59 -9.22 23.05
C LYS B 150 -7.72 -10.36 22.49
N PHE B 151 -6.77 -10.00 21.62
CA PHE B 151 -5.82 -11.00 21.12
C PHE B 151 -4.56 -11.04 21.96
N GLN B 152 -4.03 -9.87 22.31
CA GLN B 152 -2.73 -9.79 22.97
C GLN B 152 -2.78 -10.36 24.39
N ARG B 153 -3.75 -9.91 25.17
CA ARG B 153 -4.02 -10.45 26.50
C ARG B 153 -5.42 -11.07 26.55
N PRO B 154 -5.60 -12.29 26.02
CA PRO B 154 -6.99 -12.74 25.91
C PRO B 154 -7.59 -13.19 27.24
N HIS B 155 -6.76 -13.37 28.26
CA HIS B 155 -7.27 -13.75 29.56
C HIS B 155 -7.77 -12.55 30.40
N ASP B 156 -7.74 -11.36 29.80
CA ASP B 156 -8.28 -10.14 30.45
C ASP B 156 -9.79 -10.02 30.22
N TYR B 157 -10.32 -10.86 29.34
CA TYR B 157 -11.72 -10.79 28.95
C TYR B 157 -12.41 -12.13 29.22
N SER B 158 -13.73 -12.09 29.46
CA SER B 158 -14.51 -13.29 29.74
C SER B 158 -15.81 -13.27 28.95
N PRO B 159 -16.04 -14.29 28.12
CA PRO B 159 -15.17 -15.45 27.90
C PRO B 159 -13.97 -15.10 27.04
N PRO B 160 -12.85 -15.83 27.19
CA PRO B 160 -11.70 -15.46 26.34
C PRO B 160 -11.94 -15.82 24.87
N PHE B 161 -11.50 -14.95 23.97
CA PHE B 161 -11.62 -15.19 22.54
C PHE B 161 -10.93 -16.48 22.13
N ARG B 162 -11.53 -17.18 21.17
CA ARG B 162 -10.86 -18.32 20.57
C ARG B 162 -10.58 -17.99 19.10
N PHE B 163 -9.32 -18.09 18.72
CA PHE B 163 -8.85 -17.57 17.44
C PHE B 163 -7.55 -18.27 17.06
N GLY B 164 -7.37 -18.52 15.77
CA GLY B 164 -6.21 -19.25 15.33
C GLY B 164 -5.82 -18.89 13.91
N THR B 165 -4.80 -19.56 13.42
CA THR B 165 -4.32 -19.35 12.07
C THR B 165 -4.02 -20.71 11.44
N VAL B 166 -3.62 -20.73 10.17
CA VAL B 166 -3.02 -21.93 9.63
C VAL B 166 -1.54 -21.88 9.94
N PRO B 167 -1.02 -22.86 10.67
CA PRO B 167 0.37 -22.75 11.09
C PRO B 167 1.39 -23.04 10.00
N ASN B 168 2.66 -22.86 10.36
CA ASN B 168 3.83 -23.20 9.55
C ASN B 168 4.09 -22.22 8.39
N GLY B 169 3.40 -21.09 8.37
CA GLY B 169 3.58 -20.12 7.29
C GLY B 169 4.07 -18.77 7.77
N SER B 170 3.84 -17.71 7.01
CA SER B 170 4.39 -16.42 7.41
C SER B 170 3.52 -15.74 8.44
N THR B 171 2.23 -16.07 8.49
CA THR B 171 1.36 -15.48 9.54
C THR B 171 1.81 -15.91 10.95
N GLU B 172 1.93 -17.21 11.16
CA GLU B 172 2.38 -17.71 12.46
C GLU B 172 3.73 -17.13 12.82
N ARG B 173 4.63 -17.11 11.85
CA ARG B 173 6.00 -16.68 12.12
C ARG B 173 6.04 -15.20 12.46
N ASN B 174 5.21 -14.41 11.79
CA ASN B 174 5.12 -13.01 12.16
C ASN B 174 4.55 -12.84 13.59
N ILE B 175 3.47 -13.56 13.89
CA ILE B 175 2.81 -13.43 15.17
C ILE B 175 3.74 -13.85 16.29
N ARG B 176 4.50 -14.91 16.07
CA ARG B 176 5.41 -15.39 17.08
C ARG B 176 6.54 -14.38 17.36
N ASN B 177 6.93 -13.59 16.35
CA ASN B 177 8.01 -12.62 16.53
C ASN B 177 7.56 -11.29 17.10
N ASN B 178 6.26 -11.02 17.03
CA ASN B 178 5.74 -9.75 17.51
C ASN B 178 4.87 -9.88 18.76
N TYR B 179 4.19 -11.01 18.89
CA TYR B 179 3.25 -11.22 19.99
C TYR B 179 3.40 -12.63 20.57
N PRO B 180 4.51 -12.85 21.31
CA PRO B 180 4.85 -14.19 21.81
C PRO B 180 3.69 -14.87 22.55
N TYR B 181 3.06 -14.20 23.51
CA TYR B 181 2.03 -14.89 24.29
C TYR B 181 0.79 -15.22 23.47
N MET B 182 0.38 -14.28 22.62
CA MET B 182 -0.73 -14.50 21.71
C MET B 182 -0.45 -15.72 20.83
N HIS B 183 0.81 -15.88 20.43
CA HIS B 183 1.21 -17.01 19.61
C HIS B 183 1.13 -18.32 20.36
N GLN B 184 1.68 -18.32 21.56
CA GLN B 184 1.57 -19.43 22.50
C GLN B 184 0.11 -19.84 22.73
N TYR B 185 -0.75 -18.84 22.93
CA TYR B 185 -2.17 -19.06 23.20
C TYR B 185 -2.91 -19.72 22.04
N MET B 186 -2.62 -19.28 20.81
CA MET B 186 -3.48 -19.66 19.71
C MET B 186 -3.07 -20.96 19.06
N THR B 187 -1.99 -21.57 19.52
CA THR B 187 -1.55 -22.85 18.94
C THR B 187 -2.62 -23.94 19.16
N ARG B 188 -3.30 -23.92 20.31
CA ARG B 188 -4.35 -24.90 20.57
C ARG B 188 -5.54 -24.70 19.63
N PHE B 189 -5.65 -23.52 19.01
CA PHE B 189 -6.73 -23.26 18.05
C PHE B 189 -6.30 -23.30 16.57
N ASN B 190 -5.05 -23.74 16.32
CA ASN B 190 -4.57 -23.88 14.93
C ASN B 190 -5.55 -24.57 13.97
N GLN B 191 -5.51 -24.18 12.70
CA GLN B 191 -6.35 -24.79 11.69
C GLN B 191 -5.48 -25.36 10.60
N ARG B 192 -5.89 -26.51 10.06
CA ARG B 192 -5.03 -27.23 9.13
C ARG B 192 -5.02 -26.57 7.76
N GLY B 193 -6.15 -25.96 7.41
CA GLY B 193 -6.27 -25.31 6.14
C GLY B 193 -7.20 -24.13 6.25
N VAL B 194 -7.27 -23.33 5.19
CA VAL B 194 -8.16 -22.19 5.14
C VAL B 194 -9.61 -22.66 5.18
N GLU B 195 -9.88 -23.73 4.46
CA GLU B 195 -11.22 -24.33 4.43
C GLU B 195 -11.71 -24.70 5.83
N ASP B 196 -10.88 -25.44 6.56
CA ASP B 196 -11.26 -25.89 7.88
C ASP B 196 -11.47 -24.70 8.82
N ALA B 197 -10.73 -23.62 8.59
CA ALA B 197 -10.83 -22.44 9.44
C ALA B 197 -12.20 -21.78 9.25
N LEU B 198 -12.59 -21.60 8.00
CA LEU B 198 -13.87 -20.99 7.68
C LEU B 198 -15.05 -21.75 8.31
N VAL B 199 -14.99 -23.08 8.29
CA VAL B 199 -16.07 -23.89 8.87
C VAL B 199 -16.01 -23.75 10.39
N SER B 200 -14.79 -23.79 10.93
CA SER B 200 -14.58 -23.53 12.34
C SER B 200 -15.24 -22.22 12.76
N LEU B 201 -15.13 -21.21 11.90
CA LEU B 201 -15.78 -19.93 12.15
C LEU B 201 -17.29 -20.06 12.08
N LYS B 202 -17.76 -20.66 11.00
CA LYS B 202 -19.19 -20.78 10.71
C LYS B 202 -19.95 -21.62 11.74
N THR B 203 -19.26 -22.60 12.31
CA THR B 203 -19.84 -23.52 13.27
C THR B 203 -19.48 -23.16 14.72
N GLY B 204 -19.15 -21.88 14.95
CA GLY B 204 -18.90 -21.38 16.29
C GLY B 204 -17.76 -22.02 17.07
N LYS B 205 -16.97 -22.86 16.41
CA LYS B 205 -15.86 -23.49 17.12
C LYS B 205 -14.66 -22.54 17.17
N LEU B 206 -14.74 -21.45 16.40
CA LEU B 206 -13.73 -20.41 16.38
C LEU B 206 -14.41 -19.05 16.35
N ASP B 207 -13.84 -18.07 17.04
CA ASP B 207 -14.40 -16.72 17.05
C ASP B 207 -13.69 -15.81 16.05
N ALA B 208 -12.45 -16.17 15.70
CA ALA B 208 -11.66 -15.32 14.81
C ALA B 208 -10.56 -16.09 14.08
N PHE B 209 -10.48 -15.83 12.79
CA PHE B 209 -9.47 -16.46 11.96
C PHE B 209 -8.46 -15.39 11.56
N ILE B 210 -7.22 -15.54 12.00
CA ILE B 210 -6.19 -14.55 11.66
C ILE B 210 -5.36 -15.06 10.49
N TYR B 211 -5.33 -14.31 9.40
CA TYR B 211 -4.66 -14.77 8.18
C TYR B 211 -4.35 -13.63 7.20
N ASP B 212 -3.72 -14.00 6.09
CA ASP B 212 -3.39 -13.07 5.00
C ASP B 212 -4.58 -12.27 4.51
N ALA B 213 -4.40 -10.95 4.52
CA ALA B 213 -5.42 -9.96 4.12
C ALA B 213 -6.08 -10.26 2.78
N ALA B 214 -5.26 -10.42 1.74
CA ALA B 214 -5.77 -10.66 0.41
C ALA B 214 -6.60 -11.96 0.35
N VAL B 215 -6.16 -12.99 1.05
CA VAL B 215 -6.90 -14.25 1.05
C VAL B 215 -8.26 -14.05 1.73
N LEU B 216 -8.25 -13.40 2.89
CA LEU B 216 -9.45 -13.22 3.71
C LEU B 216 -10.51 -12.36 3.00
N ASN B 217 -10.09 -11.26 2.38
CA ASN B 217 -11.03 -10.46 1.61
C ASN B 217 -11.70 -11.29 0.51
N TYR B 218 -10.89 -12.09 -0.17
CA TYR B 218 -11.40 -12.90 -1.26
C TYR B 218 -12.43 -13.94 -0.79
N LYS B 219 -12.11 -14.63 0.30
CA LYS B 219 -13.03 -15.65 0.79
C LYS B 219 -14.30 -14.99 1.37
N ALA B 220 -14.15 -13.81 1.96
CA ALA B 220 -15.28 -13.09 2.53
C ALA B 220 -16.23 -12.68 1.42
N GLY B 221 -15.67 -12.45 0.24
CA GLY B 221 -16.47 -12.01 -0.89
C GLY B 221 -17.27 -13.14 -1.47
N ARG B 222 -16.97 -14.37 -1.05
CA ARG B 222 -17.55 -15.57 -1.64
C ARG B 222 -18.27 -16.44 -0.64
N ASP B 223 -18.48 -15.92 0.56
CA ASP B 223 -19.08 -16.71 1.63
C ASP B 223 -20.55 -16.98 1.33
N GLU B 224 -20.94 -18.25 1.39
CA GLU B 224 -22.35 -18.62 1.28
C GLU B 224 -23.11 -18.08 2.49
N GLY B 225 -23.81 -16.97 2.28
CA GLY B 225 -24.56 -16.33 3.36
C GLY B 225 -24.06 -14.95 3.74
N CYS B 226 -22.86 -14.60 3.28
CA CYS B 226 -22.28 -13.31 3.55
C CYS B 226 -22.22 -12.97 5.04
N LYS B 227 -21.96 -13.97 5.88
CA LYS B 227 -21.86 -13.73 7.31
C LYS B 227 -20.40 -13.62 7.78
N LEU B 228 -19.47 -14.17 7.00
CA LEU B 228 -18.05 -14.03 7.35
C LEU B 228 -17.48 -12.72 6.81
N VAL B 229 -16.97 -11.89 7.70
N VAL B 229 -16.98 -11.88 7.71
CA VAL B 229 -16.51 -10.54 7.34
CA VAL B 229 -16.50 -10.55 7.35
C VAL B 229 -15.09 -10.29 7.85
C VAL B 229 -15.04 -10.39 7.79
N THR B 230 -14.30 -9.54 7.07
CA THR B 230 -12.97 -9.13 7.50
C THR B 230 -13.03 -7.74 8.10
N ILE B 231 -12.04 -7.41 8.92
CA ILE B 231 -11.91 -6.08 9.51
C ILE B 231 -11.64 -4.97 8.49
N GLY B 232 -11.65 -3.73 8.95
CA GLY B 232 -11.35 -2.61 8.07
C GLY B 232 -9.89 -2.64 7.65
N SER B 233 -9.62 -2.19 6.42
CA SER B 233 -8.26 -2.23 5.88
C SER B 233 -7.31 -1.35 6.70
N GLY B 234 -7.86 -0.38 7.42
CA GLY B 234 -7.05 0.48 8.23
C GLY B 234 -6.44 -0.26 9.41
N TYR B 235 -6.94 -1.47 9.69
CA TYR B 235 -6.46 -2.27 10.82
C TYR B 235 -5.59 -3.45 10.40
N ILE B 236 -5.39 -3.62 9.10
CA ILE B 236 -4.44 -4.64 8.65
C ILE B 236 -3.06 -4.38 9.28
N PHE B 237 -2.44 -5.45 9.76
CA PHE B 237 -1.15 -5.37 10.45
C PHE B 237 0.00 -5.77 9.51
N ALA B 238 1.11 -5.03 9.61
CA ALA B 238 2.28 -5.28 8.76
C ALA B 238 1.87 -5.24 7.28
N THR B 239 1.27 -4.13 6.90
CA THR B 239 0.76 -3.95 5.56
C THR B 239 1.89 -3.99 4.54
N THR B 240 1.62 -4.65 3.42
CA THR B 240 2.59 -4.87 2.34
C THR B 240 1.79 -5.15 1.06
N GLY B 241 2.42 -5.77 0.06
CA GLY B 241 1.70 -6.08 -1.15
C GLY B 241 2.32 -7.17 -1.97
N TYR B 242 1.59 -7.67 -2.97
CA TYR B 242 2.20 -8.54 -3.97
C TYR B 242 2.99 -7.70 -4.94
N GLY B 243 4.17 -8.17 -5.27
CA GLY B 243 4.99 -7.47 -6.21
C GLY B 243 5.60 -8.45 -7.17
N ILE B 244 6.08 -7.90 -8.27
CA ILE B 244 6.83 -8.67 -9.22
C ILE B 244 8.31 -8.61 -8.83
N ALA B 245 8.92 -9.78 -8.65
CA ALA B 245 10.33 -9.83 -8.32
C ALA B 245 11.17 -9.75 -9.59
N LEU B 246 12.21 -8.93 -9.55
CA LEU B 246 13.13 -8.75 -10.65
C LEU B 246 14.54 -9.01 -10.16
N GLN B 247 15.49 -9.24 -11.07
CA GLN B 247 16.85 -9.47 -10.62
C GLN B 247 17.45 -8.15 -10.17
N LYS B 248 18.32 -8.21 -9.16
CA LYS B 248 18.95 -7.00 -8.64
C LYS B 248 19.57 -6.17 -9.77
N GLY B 249 19.24 -4.88 -9.80
CA GLY B 249 19.70 -4.01 -10.87
C GLY B 249 19.19 -4.32 -12.28
N SER B 250 18.02 -4.93 -12.37
CA SER B 250 17.39 -5.25 -13.67
C SER B 250 17.10 -4.01 -14.51
N PRO B 251 17.34 -4.09 -15.83
CA PRO B 251 17.03 -2.99 -16.74
C PRO B 251 15.54 -2.83 -16.98
N TRP B 252 14.71 -3.72 -16.43
CA TRP B 252 13.28 -3.73 -16.70
C TRP B 252 12.43 -3.09 -15.61
N LYS B 253 13.00 -2.91 -14.43
CA LYS B 253 12.19 -2.53 -13.26
C LYS B 253 11.48 -1.18 -13.41
N ARG B 254 12.19 -0.19 -13.93
CA ARG B 254 11.61 1.14 -14.10
C ARG B 254 10.34 1.11 -14.95
N GLN B 255 10.39 0.42 -16.09
CA GLN B 255 9.25 0.44 -16.98
C GLN B 255 8.11 -0.38 -16.39
N ILE B 256 8.45 -1.46 -15.71
CA ILE B 256 7.43 -2.31 -15.08
C ILE B 256 6.72 -1.54 -13.97
N ASP B 257 7.51 -0.85 -13.15
CA ASP B 257 7.00 0.06 -12.13
C ASP B 257 6.07 1.12 -12.70
N LEU B 258 6.56 1.88 -13.68
CA LEU B 258 5.78 2.95 -14.28
C LEU B 258 4.50 2.39 -14.90
N ALA B 259 4.62 1.24 -15.56
CA ALA B 259 3.44 0.62 -16.16
C ALA B 259 2.40 0.22 -15.11
N LEU B 260 2.83 -0.43 -14.02
CA LEU B 260 1.87 -0.83 -12.99
C LEU B 260 1.20 0.39 -12.38
N LEU B 261 1.96 1.47 -12.20
CA LEU B 261 1.39 2.69 -11.63
C LEU B 261 0.43 3.33 -12.64
N GLN B 262 0.75 3.20 -13.93
CA GLN B 262 -0.20 3.64 -14.96
C GLN B 262 -1.52 2.87 -14.88
N PHE B 263 -1.44 1.55 -14.72
CA PHE B 263 -2.62 0.68 -14.63
C PHE B 263 -3.52 1.08 -13.48
N VAL B 264 -2.93 1.27 -12.31
CA VAL B 264 -3.67 1.70 -11.14
C VAL B 264 -4.32 3.04 -11.38
N GLY B 265 -3.54 4.01 -11.87
CA GLY B 265 -4.06 5.34 -12.11
C GLY B 265 -5.22 5.36 -13.08
N ASP B 266 -5.10 4.57 -14.14
CA ASP B 266 -6.10 4.53 -15.22
C ASP B 266 -7.36 3.73 -14.89
N GLY B 267 -7.33 2.94 -13.81
CA GLY B 267 -8.51 2.20 -13.40
C GLY B 267 -8.44 0.75 -13.80
N GLU B 268 -7.54 0.40 -14.72
CA GLU B 268 -7.42 -0.97 -15.21
C GLU B 268 -7.26 -1.98 -14.09
N MET B 269 -6.55 -1.60 -13.03
CA MET B 269 -6.32 -2.51 -11.93
C MET B 269 -7.63 -2.84 -11.21
N GLU B 270 -8.53 -1.85 -11.10
CA GLU B 270 -9.77 -2.06 -10.36
C GLU B 270 -10.68 -2.97 -11.15
N GLU B 271 -10.70 -2.77 -12.46
CA GLU B 271 -11.39 -3.68 -13.36
C GLU B 271 -10.94 -5.12 -13.06
N LEU B 272 -9.62 -5.33 -13.05
CA LEU B 272 -9.04 -6.63 -12.83
C LEU B 272 -9.44 -7.25 -11.48
N GLU B 273 -9.47 -6.42 -10.44
CA GLU B 273 -9.82 -6.92 -9.11
C GLU B 273 -11.30 -7.26 -9.08
N THR B 274 -12.08 -6.50 -9.85
CA THR B 274 -13.50 -6.80 -9.97
C THR B 274 -13.71 -8.08 -10.79
N LEU B 275 -12.95 -8.19 -11.88
CA LEU B 275 -12.96 -9.38 -12.70
C LEU B 275 -12.58 -10.64 -11.91
N TRP B 276 -11.52 -10.58 -11.12
CA TRP B 276 -10.97 -11.80 -10.53
C TRP B 276 -11.10 -11.95 -9.03
N LEU B 277 -11.27 -10.86 -8.30
CA LEU B 277 -11.13 -10.97 -6.83
C LEU B 277 -12.38 -10.55 -6.07
N THR B 278 -13.03 -9.51 -6.56
CA THR B 278 -14.32 -9.09 -6.06
C THR B 278 -15.35 -10.21 -6.15
N GLY B 279 -16.00 -10.52 -5.03
CA GLY B 279 -17.02 -11.57 -4.98
C GLY B 279 -18.40 -10.94 -4.84
N ILE B 280 -19.42 -11.77 -4.64
CA ILE B 280 -20.77 -11.25 -4.48
C ILE B 280 -20.96 -10.51 -3.14
N CYS B 281 -20.47 -11.06 -2.04
CA CYS B 281 -20.56 -10.36 -0.76
C CYS B 281 -19.75 -9.07 -0.77
#